data_6QJA
#
_entry.id   6QJA
#
_cell.length_a   45.730
_cell.length_b   112.850
_cell.length_c   135.810
_cell.angle_alpha   90.000
_cell.angle_beta   90.000
_cell.angle_gamma   90.000
#
_symmetry.space_group_name_H-M   'P 21 21 21'
#
loop_
_entity.id
_entity.type
_entity.pdbx_description
1 polymer 'Nuclear mitotic apparatus protein 1'
2 non-polymer 'CHLORIDE ION'
3 non-polymer 'MAGNESIUM ION'
4 water water
#
_entity_poly.entity_id   1
_entity_poly.type   'polypeptide(L)'
_entity_poly.pdbx_seq_one_letter_code
;GPMGMTLHATRGAALLSWVNSLHVADPVEAVLQLQDCSIFIKIIDRIHGTEEGQQILKQPVSERLDFVCSFLQKNRKHPS
SPECLVSAQKVLEGSELELAKMTMLLLYHSTMSSKSPRDWEQFEYKIQAELAVILKFVLDHEDGLNLNEDLENFLQK
;
_entity_poly.pdbx_strand_id   A,B,C,D
#
# COMPACT_ATOMS: atom_id res chain seq x y z
N GLY A 1 -19.10 31.14 32.10
CA GLY A 1 -18.33 29.87 32.31
C GLY A 1 -16.90 29.94 31.77
N PRO A 2 -16.10 28.91 32.05
CA PRO A 2 -14.74 28.83 31.54
C PRO A 2 -14.83 28.63 30.02
N MET A 3 -13.77 29.02 29.31
CA MET A 3 -13.87 28.90 27.86
C MET A 3 -13.77 27.41 27.46
N GLY A 4 -14.59 27.03 26.49
CA GLY A 4 -14.67 25.66 26.01
C GLY A 4 -13.42 25.26 25.24
N MET A 5 -13.33 23.99 24.93
CA MET A 5 -12.27 23.53 24.05
C MET A 5 -12.66 23.89 22.62
N THR A 6 -11.63 23.99 21.77
CA THR A 6 -11.79 24.44 20.37
C THR A 6 -11.32 23.34 19.43
N LEU A 7 -11.87 23.43 18.22
CA LEU A 7 -11.51 22.51 17.13
C LEU A 7 -10.28 23.07 16.38
N HIS A 8 -9.25 22.23 16.23
CA HIS A 8 -8.06 22.61 15.49
C HIS A 8 -8.43 22.68 14.01
N ALA A 9 -7.90 23.71 13.35
CA ALA A 9 -8.11 23.89 11.93
C ALA A 9 -7.76 22.65 11.08
N THR A 10 -6.65 21.93 11.39
CA THR A 10 -6.27 20.77 10.53
C THR A 10 -7.25 19.60 10.67
N ARG A 11 -7.79 19.48 11.88
CA ARG A 11 -8.73 18.37 12.16
C ARG A 11 -10.06 18.64 11.43
N GLY A 12 -10.52 19.90 11.53
CA GLY A 12 -11.74 20.26 10.81
C GLY A 12 -11.55 20.17 9.30
N ALA A 13 -10.38 20.59 8.83
CA ALA A 13 -10.15 20.57 7.36
C ALA A 13 -10.19 19.14 6.78
N ALA A 14 -9.63 18.18 7.55
CA ALA A 14 -9.63 16.83 7.07
C ALA A 14 -11.05 16.21 7.08
N LEU A 15 -11.79 16.51 8.18
CA LEU A 15 -13.17 16.02 8.26
C LEU A 15 -14.08 16.59 7.19
N LEU A 16 -13.90 17.89 6.86
CA LEU A 16 -14.67 18.50 5.79
C LEU A 16 -14.29 17.92 4.42
N SER A 17 -12.99 17.68 4.22
CA SER A 17 -12.54 17.05 2.96
CA SER A 17 -12.56 17.06 2.97
C SER A 17 -13.17 15.69 2.78
N TRP A 18 -13.22 14.92 3.91
CA TRP A 18 -13.84 13.60 3.86
C TRP A 18 -15.33 13.74 3.50
N VAL A 19 -16.06 14.63 4.23
CA VAL A 19 -17.46 14.80 3.94
C VAL A 19 -17.69 15.12 2.46
N ASN A 20 -16.92 16.09 1.95
CA ASN A 20 -17.11 16.49 0.54
C ASN A 20 -16.85 15.34 -0.43
N SER A 21 -15.90 14.47 -0.06
CA SER A 21 -15.52 13.32 -0.92
C SER A 21 -16.65 12.28 -1.08
N LEU A 22 -17.67 12.35 -0.16
CA LEU A 22 -18.81 11.43 -0.25
C LEU A 22 -19.81 11.84 -1.34
N HIS A 23 -19.76 13.12 -1.77
CA HIS A 23 -20.70 13.63 -2.74
C HIS A 23 -22.15 13.31 -2.34
N VAL A 24 -22.50 13.63 -1.07
CA VAL A 24 -23.91 13.55 -0.70
C VAL A 24 -24.58 14.93 -0.74
N ALA A 25 -23.80 15.99 -1.02
CA ALA A 25 -24.35 17.32 -1.10
C ALA A 25 -23.37 18.18 -1.86
N ASP A 26 -23.78 19.45 -2.13
CA ASP A 26 -22.84 20.45 -2.63
C ASP A 26 -21.73 20.62 -1.60
N PRO A 27 -20.55 21.13 -2.02
CA PRO A 27 -19.41 21.33 -1.12
C PRO A 27 -19.77 22.16 0.11
N VAL A 28 -19.10 21.84 1.21
CA VAL A 28 -19.16 22.68 2.40
C VAL A 28 -17.73 23.11 2.74
N GLU A 29 -17.62 24.33 3.31
CA GLU A 29 -16.31 24.86 3.61
C GLU A 29 -16.10 25.13 5.06
N ALA A 30 -17.17 25.01 5.89
CA ALA A 30 -17.01 25.25 7.33
C ALA A 30 -17.84 24.21 8.10
N VAL A 31 -17.33 23.79 9.24
CA VAL A 31 -17.99 22.74 10.00
C VAL A 31 -19.40 23.17 10.45
N LEU A 32 -19.60 24.46 10.73
CA LEU A 32 -20.93 25.00 11.07
C LEU A 32 -21.99 24.70 10.00
N GLN A 33 -21.57 24.51 8.74
CA GLN A 33 -22.53 24.20 7.69
C GLN A 33 -23.12 22.79 7.84
N LEU A 34 -22.62 21.99 8.81
CA LEU A 34 -23.19 20.66 9.11
C LEU A 34 -24.29 20.74 10.19
N GLN A 35 -24.53 21.93 10.76
CA GLN A 35 -25.39 22.10 11.88
C GLN A 35 -26.81 21.65 11.59
N ASP A 36 -27.31 21.78 10.35
CA ASP A 36 -28.69 21.47 10.01
C ASP A 36 -28.93 19.97 9.88
N CYS A 37 -27.85 19.17 9.99
CA CYS A 37 -27.92 17.69 10.09
C CYS A 37 -28.33 17.03 8.77
N SER A 38 -28.46 17.78 7.68
CA SER A 38 -28.90 17.24 6.43
C SER A 38 -27.84 16.25 5.90
N ILE A 39 -26.58 16.70 5.87
CA ILE A 39 -25.52 15.85 5.38
C ILE A 39 -25.39 14.61 6.28
N PHE A 40 -25.44 14.83 7.60
CA PHE A 40 -25.33 13.73 8.53
C PHE A 40 -26.40 12.66 8.23
N ILE A 41 -27.62 13.07 7.98
CA ILE A 41 -28.68 12.10 7.66
C ILE A 41 -28.32 11.33 6.39
N LYS A 42 -27.82 12.05 5.38
CA LYS A 42 -27.46 11.41 4.11
C LYS A 42 -26.32 10.40 4.33
N ILE A 43 -25.40 10.69 5.23
CA ILE A 43 -24.29 9.83 5.50
C ILE A 43 -24.83 8.53 6.15
N ILE A 44 -25.79 8.68 7.10
CA ILE A 44 -26.38 7.49 7.76
C ILE A 44 -27.13 6.65 6.71
N ASP A 45 -27.90 7.32 5.82
CA ASP A 45 -28.59 6.64 4.72
C ASP A 45 -27.59 5.82 3.88
N ARG A 46 -26.43 6.42 3.58
CA ARG A 46 -25.40 5.75 2.80
C ARG A 46 -24.91 4.52 3.55
N ILE A 47 -24.69 4.65 4.87
CA ILE A 47 -24.22 3.50 5.67
C ILE A 47 -25.24 2.36 5.60
N HIS A 48 -26.52 2.68 5.79
CA HIS A 48 -27.59 1.67 5.85
C HIS A 48 -27.95 1.09 4.50
N GLY A 49 -27.77 1.89 3.44
CA GLY A 49 -28.32 1.55 2.12
C GLY A 49 -29.84 1.69 2.07
N THR A 50 -30.43 2.45 3.02
CA THR A 50 -31.87 2.64 3.12
C THR A 50 -32.16 4.14 2.96
N GLU A 51 -33.46 4.50 2.95
CA GLU A 51 -33.93 5.85 2.69
C GLU A 51 -34.68 6.43 3.89
N GLU A 52 -34.54 5.83 5.09
CA GLU A 52 -35.23 6.28 6.34
C GLU A 52 -34.99 7.79 6.55
N GLY A 53 -33.74 8.23 6.30
CA GLY A 53 -33.34 9.61 6.43
C GLY A 53 -34.26 10.59 5.69
N GLN A 54 -34.76 10.19 4.51
CA GLN A 54 -35.58 11.08 3.66
C GLN A 54 -36.80 11.59 4.45
N GLN A 55 -37.40 10.75 5.30
CA GLN A 55 -38.57 11.12 6.11
C GLN A 55 -38.13 12.15 7.18
N ILE A 56 -36.95 11.95 7.79
CA ILE A 56 -36.54 12.81 8.88
C ILE A 56 -36.07 14.19 8.37
N LEU A 57 -35.72 14.29 7.08
CA LEU A 57 -35.26 15.60 6.54
C LEU A 57 -36.41 16.61 6.55
N LYS A 58 -37.66 16.14 6.65
CA LYS A 58 -38.84 17.00 6.71
C LYS A 58 -38.98 17.63 8.10
N GLN A 59 -38.32 17.06 9.11
CA GLN A 59 -38.48 17.51 10.48
C GLN A 59 -37.55 18.70 10.77
N PRO A 60 -37.79 19.46 11.85
CA PRO A 60 -36.90 20.54 12.27
C PRO A 60 -35.53 20.06 12.70
N VAL A 61 -34.58 21.01 12.83
CA VAL A 61 -33.20 20.66 13.15
C VAL A 61 -33.13 19.89 14.48
N SER A 62 -33.85 20.30 15.53
CA SER A 62 -33.71 19.58 16.82
C SER A 62 -34.07 18.09 16.65
N GLU A 63 -35.07 17.79 15.79
CA GLU A 63 -35.52 16.40 15.58
C GLU A 63 -34.50 15.63 14.74
N ARG A 64 -33.97 16.34 13.73
CA ARG A 64 -32.92 15.76 12.89
C ARG A 64 -31.73 15.37 13.76
N LEU A 65 -31.36 16.30 14.64
CA LEU A 65 -30.25 16.16 15.54
C LEU A 65 -30.46 15.00 16.50
N ASP A 66 -31.68 14.88 17.06
CA ASP A 66 -31.95 13.72 17.93
C ASP A 66 -31.75 12.40 17.16
N PHE A 67 -32.24 12.35 15.93
CA PHE A 67 -32.10 11.18 15.07
C PHE A 67 -30.62 10.81 14.88
N VAL A 68 -29.76 11.81 14.61
CA VAL A 68 -28.37 11.53 14.42
C VAL A 68 -27.71 11.06 15.72
N CYS A 69 -28.02 11.78 16.83
CA CYS A 69 -27.44 11.41 18.13
C CYS A 69 -27.89 9.99 18.54
N SER A 70 -29.15 9.63 18.20
CA SER A 70 -29.66 8.31 18.48
C SER A 70 -28.93 7.23 17.68
N PHE A 71 -28.65 7.52 16.40
CA PHE A 71 -27.87 6.59 15.58
C PHE A 71 -26.49 6.37 16.21
N LEU A 72 -25.83 7.42 16.67
CA LEU A 72 -24.49 7.29 17.19
C LEU A 72 -24.51 6.52 18.49
N GLN A 73 -25.57 6.75 19.31
CA GLN A 73 -25.69 6.04 20.59
C GLN A 73 -25.97 4.54 20.35
N LYS A 74 -26.90 4.26 19.44
CA LYS A 74 -27.29 2.89 19.08
C LYS A 74 -26.09 2.07 18.56
N ASN A 75 -25.17 2.76 17.86
CA ASN A 75 -24.16 2.02 17.11
C ASN A 75 -22.82 2.00 17.86
N ARG A 76 -22.75 2.53 19.08
CA ARG A 76 -21.46 2.55 19.79
C ARG A 76 -21.14 1.15 20.34
N LYS A 77 -19.85 0.94 20.64
CA LYS A 77 -19.34 -0.37 21.06
C LYS A 77 -19.87 -0.75 22.47
N HIS A 78 -20.12 0.24 23.35
CA HIS A 78 -20.85 0.01 24.64
C HIS A 78 -22.09 0.89 24.75
N PRO A 79 -23.25 0.48 24.17
CA PRO A 79 -24.47 1.29 24.21
C PRO A 79 -24.92 1.68 25.63
N SER A 80 -24.38 0.95 26.63
CA SER A 80 -24.74 1.04 28.01
C SER A 80 -23.92 2.10 28.77
N SER A 81 -22.96 2.76 28.11
CA SER A 81 -22.15 3.79 28.77
C SER A 81 -23.03 4.91 29.30
N PRO A 82 -22.67 5.56 30.42
CA PRO A 82 -23.45 6.66 30.97
C PRO A 82 -23.29 8.01 30.26
N GLU A 83 -22.05 8.37 29.87
CA GLU A 83 -21.81 9.61 29.17
C GLU A 83 -22.19 9.36 27.71
N CYS A 84 -23.11 10.21 27.18
CA CYS A 84 -23.43 10.15 25.76
C CYS A 84 -22.29 10.85 24.97
N LEU A 85 -22.12 10.42 23.72
CA LEU A 85 -20.93 10.83 22.99
C LEU A 85 -21.06 12.31 22.59
N VAL A 86 -22.29 12.73 22.30
CA VAL A 86 -22.57 14.01 21.68
C VAL A 86 -23.63 14.76 22.50
N SER A 87 -23.39 16.06 22.72
CA SER A 87 -24.32 17.03 23.33
C SER A 87 -25.15 17.76 22.25
N ALA A 88 -26.41 17.35 22.11
CA ALA A 88 -27.34 18.00 21.20
C ALA A 88 -27.42 19.49 21.53
N GLN A 89 -27.38 19.84 22.84
CA GLN A 89 -27.46 21.22 23.30
C GLN A 89 -26.31 22.01 22.65
N LYS A 90 -25.08 21.44 22.67
CA LYS A 90 -23.92 22.20 22.19
C LYS A 90 -24.00 22.39 20.67
N VAL A 91 -24.59 21.41 19.99
CA VAL A 91 -24.75 21.53 18.54
C VAL A 91 -25.73 22.67 18.25
N LEU A 92 -26.83 22.76 19.00
CA LEU A 92 -27.84 23.79 18.75
C LEU A 92 -27.25 25.18 19.07
N GLU A 93 -26.32 25.26 20.04
CA GLU A 93 -25.55 26.48 20.35
C GLU A 93 -24.43 26.78 19.32
N GLY A 94 -24.21 25.89 18.34
CA GLY A 94 -23.30 26.22 17.19
C GLY A 94 -21.86 25.76 17.43
N SER A 95 -21.68 24.74 18.27
CA SER A 95 -20.34 24.22 18.59
C SER A 95 -19.77 23.47 17.38
N GLU A 96 -18.74 24.06 16.79
CA GLU A 96 -18.03 23.37 15.69
C GLU A 96 -17.35 22.13 16.29
N LEU A 97 -16.83 22.25 17.52
CA LEU A 97 -16.15 21.09 18.14
C LEU A 97 -17.10 19.89 18.25
N GLU A 98 -18.34 20.14 18.70
CA GLU A 98 -19.28 19.04 18.84
C GLU A 98 -19.68 18.48 17.47
N LEU A 99 -19.82 19.36 16.44
CA LEU A 99 -20.15 18.89 15.11
C LEU A 99 -19.00 18.03 14.53
N ALA A 100 -17.77 18.35 14.93
CA ALA A 100 -16.60 17.62 14.44
C ALA A 100 -16.56 16.24 15.09
N LYS A 101 -16.98 16.18 16.38
CA LYS A 101 -17.06 14.86 17.00
C LYS A 101 -18.07 14.00 16.24
N MET A 102 -19.22 14.60 15.85
CA MET A 102 -20.23 13.85 15.12
C MET A 102 -19.69 13.31 13.81
N THR A 103 -18.95 14.21 13.13
CA THR A 103 -18.43 13.87 11.82
C THR A 103 -17.39 12.75 11.91
N MET A 104 -16.50 12.84 12.89
CA MET A 104 -15.50 11.82 13.16
C MET A 104 -16.13 10.46 13.45
N LEU A 105 -17.15 10.46 14.30
CA LEU A 105 -17.84 9.16 14.57
C LEU A 105 -18.54 8.61 13.32
N LEU A 106 -19.10 9.48 12.47
CA LEU A 106 -19.71 9.01 11.23
C LEU A 106 -18.64 8.51 10.25
N LEU A 107 -17.43 9.09 10.32
CA LEU A 107 -16.31 8.54 9.53
C LEU A 107 -16.02 7.09 9.96
N TYR A 108 -15.95 6.90 11.27
CA TYR A 108 -15.71 5.58 11.87
C TYR A 108 -16.79 4.62 11.33
N HIS A 109 -18.09 4.98 11.51
CA HIS A 109 -19.12 4.06 11.09
C HIS A 109 -19.15 3.81 9.58
N SER A 110 -18.76 4.83 8.81
CA SER A 110 -18.71 4.69 7.35
C SER A 110 -17.62 3.65 7.00
N THR A 111 -16.44 3.79 7.63
CA THR A 111 -15.32 2.86 7.31
C THR A 111 -15.64 1.41 7.73
N MET A 112 -16.49 1.25 8.78
CA MET A 112 -16.92 -0.13 9.19
C MET A 112 -18.08 -0.66 8.32
N SER A 113 -18.64 0.15 7.41
CA SER A 113 -19.83 -0.19 6.60
C SER A 113 -19.50 -1.14 5.41
N SER A 114 -20.55 -1.51 4.68
CA SER A 114 -20.51 -2.42 3.53
C SER A 114 -20.09 -1.69 2.23
N LYS A 115 -19.88 -0.38 2.33
CA LYS A 115 -19.50 0.39 1.20
C LYS A 115 -18.09 -0.03 0.80
N SER A 116 -17.73 0.21 -0.49
CA SER A 116 -16.37 -0.01 -0.90
C SER A 116 -15.36 0.85 -0.14
N PRO A 117 -14.10 0.38 0.03
CA PRO A 117 -13.09 1.17 0.73
C PRO A 117 -12.86 2.50 0.00
N ARG A 118 -12.69 3.57 0.79
CA ARG A 118 -12.40 4.88 0.16
C ARG A 118 -11.03 4.83 -0.52
N ASP A 119 -10.91 5.53 -1.68
CA ASP A 119 -9.62 5.78 -2.27
C ASP A 119 -8.97 6.92 -1.48
N TRP A 120 -8.17 6.60 -0.47
CA TRP A 120 -7.51 7.62 0.37
C TRP A 120 -6.55 8.46 -0.47
N GLU A 121 -6.10 7.89 -1.62
CA GLU A 121 -5.13 8.59 -2.46
C GLU A 121 -5.72 9.85 -3.07
N GLN A 122 -7.05 9.97 -3.07
CA GLN A 122 -7.72 11.13 -3.70
C GLN A 122 -7.43 12.43 -2.95
N PHE A 123 -7.04 12.34 -1.69
CA PHE A 123 -6.81 13.51 -0.88
C PHE A 123 -5.39 14.03 -1.10
N GLU A 124 -5.22 15.34 -0.87
CA GLU A 124 -3.87 15.92 -0.77
CA GLU A 124 -3.88 15.94 -0.74
C GLU A 124 -3.14 15.20 0.38
N TYR A 125 -1.83 15.08 0.27
CA TYR A 125 -1.09 14.33 1.31
C TYR A 125 -1.31 14.86 2.73
N LYS A 126 -1.43 16.17 2.94
CA LYS A 126 -1.67 16.76 4.25
C LYS A 126 -2.98 16.16 4.84
N ILE A 127 -3.98 16.02 4.00
CA ILE A 127 -5.29 15.53 4.39
C ILE A 127 -5.19 14.03 4.64
N GLN A 128 -4.52 13.30 3.76
CA GLN A 128 -4.30 11.84 3.99
C GLN A 128 -3.65 11.64 5.35
N ALA A 129 -2.66 12.43 5.69
CA ALA A 129 -1.88 12.32 6.91
C ALA A 129 -2.82 12.54 8.09
N GLU A 130 -3.69 13.56 8.00
CA GLU A 130 -4.57 13.84 9.12
C GLU A 130 -5.61 12.73 9.24
N LEU A 131 -6.20 12.26 8.15
CA LEU A 131 -7.15 11.20 8.16
C LEU A 131 -6.48 9.96 8.76
N ALA A 132 -5.23 9.67 8.46
CA ALA A 132 -4.55 8.51 9.05
C ALA A 132 -4.52 8.65 10.60
N VAL A 133 -4.19 9.83 11.09
CA VAL A 133 -4.11 10.13 12.52
C VAL A 133 -5.51 9.97 13.14
N ILE A 134 -6.53 10.45 12.47
CA ILE A 134 -7.90 10.40 12.92
C ILE A 134 -8.30 8.92 13.04
N LEU A 135 -8.05 8.12 12.03
CA LEU A 135 -8.44 6.71 12.05
C LEU A 135 -7.58 5.95 13.06
N LYS A 136 -6.36 6.33 13.34
CA LYS A 136 -5.54 5.70 14.37
C LYS A 136 -6.13 6.00 15.75
N PHE A 137 -6.61 7.21 15.96
CA PHE A 137 -7.29 7.55 17.20
C PHE A 137 -8.51 6.65 17.40
N VAL A 138 -9.33 6.49 16.40
CA VAL A 138 -10.48 5.61 16.45
C VAL A 138 -10.03 4.21 16.85
N LEU A 139 -9.04 3.67 16.16
CA LEU A 139 -8.54 2.32 16.44
C LEU A 139 -8.13 2.20 17.93
N ASP A 140 -7.40 3.19 18.42
CA ASP A 140 -6.74 3.10 19.69
C ASP A 140 -7.72 3.40 20.85
N HIS A 141 -8.84 4.10 20.60
CA HIS A 141 -9.62 4.65 21.75
C HIS A 141 -11.11 4.47 21.66
N GLU A 142 -11.70 4.04 20.56
CA GLU A 142 -13.16 4.31 20.39
C GLU A 142 -13.92 3.45 21.40
N ASP A 143 -13.27 2.40 21.87
CA ASP A 143 -13.90 1.43 22.72
C ASP A 143 -13.61 1.73 24.20
N GLY A 144 -13.01 2.90 24.49
CA GLY A 144 -12.68 3.28 25.87
C GLY A 144 -13.82 3.94 26.64
N LEU A 145 -13.54 4.21 27.93
CA LEU A 145 -14.53 4.76 28.88
C LEU A 145 -14.34 6.28 29.10
N ASN A 146 -13.15 6.83 28.79
CA ASN A 146 -12.94 8.29 28.79
C ASN A 146 -12.95 8.86 27.35
N LEU A 147 -13.71 8.21 26.48
CA LEU A 147 -13.65 8.55 25.05
C LEU A 147 -14.01 10.02 24.87
N ASN A 148 -15.04 10.53 25.56
CA ASN A 148 -15.49 11.88 25.30
C ASN A 148 -14.37 12.90 25.54
N GLU A 149 -13.73 12.79 26.71
CA GLU A 149 -12.60 13.66 27.08
C GLU A 149 -11.42 13.48 26.12
N ASP A 150 -11.14 12.21 25.82
CA ASP A 150 -10.02 11.87 24.92
C ASP A 150 -10.26 12.49 23.52
N LEU A 151 -11.48 12.38 23.03
CA LEU A 151 -11.85 12.88 21.66
C LEU A 151 -11.73 14.39 21.64
N GLU A 152 -12.16 15.07 22.70
CA GLU A 152 -12.11 16.52 22.68
C GLU A 152 -10.66 16.96 22.69
N ASN A 153 -9.82 16.30 23.50
CA ASN A 153 -8.42 16.67 23.60
C ASN A 153 -7.76 16.45 22.23
N PHE A 154 -8.17 15.38 21.57
CA PHE A 154 -7.59 15.04 20.26
C PHE A 154 -7.95 16.10 19.22
N LEU A 155 -9.21 16.53 19.22
CA LEU A 155 -9.72 17.44 18.20
C LEU A 155 -9.17 18.87 18.39
N GLN A 156 -8.77 19.25 19.62
CA GLN A 156 -8.26 20.53 19.90
C GLN A 156 -6.80 20.60 19.46
N LYS A 157 -6.10 19.46 19.53
CA LYS A 157 -4.67 19.34 19.16
C LYS A 157 -3.86 20.48 19.80
N MET B 5 -17.25 -12.77 -6.84
CA MET B 5 -16.75 -11.74 -5.89
C MET B 5 -15.21 -11.74 -5.99
N THR B 6 -14.61 -10.55 -5.92
CA THR B 6 -13.17 -10.37 -5.95
C THR B 6 -12.75 -9.56 -4.72
N LEU B 7 -11.45 -9.58 -4.42
CA LEU B 7 -10.84 -8.87 -3.30
C LEU B 7 -10.74 -7.36 -3.59
N HIS B 8 -11.22 -6.56 -2.63
CA HIS B 8 -10.99 -5.10 -2.66
C HIS B 8 -9.49 -4.82 -2.78
N ALA B 9 -9.07 -4.25 -3.92
CA ALA B 9 -7.65 -4.07 -4.14
C ALA B 9 -6.91 -3.30 -3.05
N THR B 10 -7.50 -2.18 -2.53
CA THR B 10 -6.75 -1.41 -1.53
C THR B 10 -6.60 -2.18 -0.20
N ARG B 11 -7.56 -3.11 0.06
CA ARG B 11 -7.44 -3.81 1.31
C ARG B 11 -6.40 -4.91 1.19
N GLY B 12 -6.38 -5.62 0.04
CA GLY B 12 -5.26 -6.56 -0.25
C GLY B 12 -3.89 -5.89 -0.19
N ALA B 13 -3.80 -4.71 -0.85
CA ALA B 13 -2.53 -3.98 -0.89
C ALA B 13 -2.00 -3.56 0.49
N ALA B 14 -2.97 -3.20 1.39
CA ALA B 14 -2.54 -2.75 2.69
C ALA B 14 -2.06 -3.97 3.56
N LEU B 15 -2.76 -5.08 3.37
CA LEU B 15 -2.36 -6.33 4.10
C LEU B 15 -0.99 -6.82 3.65
N LEU B 16 -0.70 -6.68 2.32
CA LEU B 16 0.63 -7.09 1.86
C LEU B 16 1.71 -6.11 2.36
N SER B 17 1.40 -4.79 2.36
CA SER B 17 2.34 -3.84 2.93
CA SER B 17 2.35 -3.84 2.94
C SER B 17 2.67 -4.17 4.38
N TRP B 18 1.62 -4.53 5.15
CA TRP B 18 1.86 -4.93 6.55
C TRP B 18 2.78 -6.16 6.61
N VAL B 19 2.45 -7.20 5.84
CA VAL B 19 3.28 -8.41 5.84
C VAL B 19 4.75 -8.05 5.56
N ASN B 20 4.96 -7.24 4.51
CA ASN B 20 6.32 -6.90 4.12
C ASN B 20 7.06 -6.12 5.22
N SER B 21 6.31 -5.30 6.00
CA SER B 21 6.88 -4.49 7.07
C SER B 21 7.48 -5.33 8.21
N LEU B 22 7.09 -6.61 8.27
CA LEU B 22 7.61 -7.48 9.35
C LEU B 22 9.02 -7.97 9.02
N HIS B 23 9.42 -7.91 7.75
CA HIS B 23 10.71 -8.42 7.31
C HIS B 23 10.89 -9.86 7.79
N VAL B 24 9.89 -10.72 7.55
CA VAL B 24 10.07 -12.16 7.86
C VAL B 24 10.51 -12.92 6.60
N ALA B 25 10.39 -12.27 5.45
CA ALA B 25 10.64 -12.88 4.16
C ALA B 25 10.93 -11.73 3.20
N ASP B 26 11.40 -12.08 1.99
CA ASP B 26 11.54 -11.09 0.95
C ASP B 26 10.17 -10.48 0.65
N PRO B 27 10.12 -9.21 0.16
CA PRO B 27 8.84 -8.57 -0.07
C PRO B 27 8.00 -9.33 -1.10
N VAL B 28 6.68 -9.25 -0.93
CA VAL B 28 5.75 -9.86 -1.83
C VAL B 28 4.88 -8.77 -2.42
N GLU B 29 4.39 -9.00 -3.65
CA GLU B 29 3.60 -7.99 -4.30
C GLU B 29 2.20 -8.52 -4.59
N ALA B 30 1.96 -9.85 -4.48
CA ALA B 30 0.66 -10.38 -4.90
C ALA B 30 0.16 -11.35 -3.82
N VAL B 31 -1.15 -11.32 -3.56
CA VAL B 31 -1.67 -12.13 -2.47
C VAL B 31 -1.41 -13.64 -2.66
N LEU B 32 -1.40 -14.08 -3.95
CA LEU B 32 -1.17 -15.49 -4.20
C LEU B 32 0.24 -15.95 -3.76
N GLN B 33 1.17 -15.03 -3.52
CA GLN B 33 2.46 -15.37 -2.99
C GLN B 33 2.40 -15.93 -1.56
N LEU B 34 1.24 -15.74 -0.91
CA LEU B 34 1.05 -16.31 0.45
C LEU B 34 0.55 -17.75 0.44
N GLN B 35 0.20 -18.28 -0.74
CA GLN B 35 -0.49 -19.55 -0.87
C GLN B 35 0.26 -20.71 -0.20
N ASP B 36 1.61 -20.74 -0.24
CA ASP B 36 2.32 -21.97 0.20
C ASP B 36 2.50 -21.97 1.72
N CYS B 37 1.98 -20.93 2.38
CA CYS B 37 1.90 -20.84 3.87
C CYS B 37 3.26 -20.62 4.55
N SER B 38 4.34 -20.50 3.77
CA SER B 38 5.65 -20.31 4.36
C SER B 38 5.70 -18.97 5.13
N ILE B 39 5.25 -17.90 4.48
CA ILE B 39 5.25 -16.61 5.15
C ILE B 39 4.35 -16.63 6.41
N PHE B 40 3.15 -17.17 6.25
CA PHE B 40 2.24 -17.24 7.41
C PHE B 40 2.93 -17.94 8.59
N ILE B 41 3.64 -19.04 8.34
CA ILE B 41 4.32 -19.73 9.45
C ILE B 41 5.34 -18.80 10.11
N LYS B 42 6.08 -18.05 9.28
CA LYS B 42 7.09 -17.14 9.83
C LYS B 42 6.42 -16.01 10.65
N ILE B 43 5.22 -15.60 10.24
CA ILE B 43 4.50 -14.58 10.99
C ILE B 43 4.07 -15.15 12.35
N ILE B 44 3.61 -16.41 12.37
CA ILE B 44 3.22 -17.06 13.65
C ILE B 44 4.42 -17.15 14.60
N ASP B 45 5.57 -17.55 14.06
CA ASP B 45 6.79 -17.56 14.84
C ASP B 45 7.10 -16.19 15.45
N ARG B 46 6.95 -15.13 14.65
CA ARG B 46 7.18 -13.77 15.13
C ARG B 46 6.22 -13.45 16.29
N ILE B 47 4.94 -13.85 16.14
CA ILE B 47 3.93 -13.57 17.16
C ILE B 47 4.32 -14.26 18.46
N HIS B 48 4.71 -15.53 18.37
CA HIS B 48 4.99 -16.34 19.54
C HIS B 48 6.34 -15.98 20.19
N GLY B 49 7.29 -15.53 19.37
CA GLY B 49 8.70 -15.45 19.79
C GLY B 49 9.34 -16.82 19.93
N THR B 50 8.76 -17.84 19.30
CA THR B 50 9.27 -19.22 19.33
C THR B 50 9.70 -19.59 17.91
N GLU B 51 10.35 -20.76 17.76
CA GLU B 51 10.91 -21.21 16.47
C GLU B 51 10.19 -22.48 15.96
N GLU B 52 9.05 -22.85 16.56
CA GLU B 52 8.30 -24.11 16.24
C GLU B 52 8.06 -24.20 14.73
N GLY B 53 7.60 -23.09 14.14
CA GLY B 53 7.30 -22.98 12.71
C GLY B 53 8.45 -23.45 11.81
N GLN B 54 9.70 -23.21 12.23
CA GLN B 54 10.88 -23.54 11.39
C GLN B 54 10.86 -25.03 11.03
N GLN B 55 10.42 -25.89 11.96
CA GLN B 55 10.35 -27.34 11.71
C GLN B 55 9.23 -27.65 10.70
N ILE B 56 8.10 -26.93 10.82
CA ILE B 56 6.92 -27.15 9.97
C ILE B 56 7.21 -26.71 8.51
N LEU B 57 8.16 -25.81 8.31
CA LEU B 57 8.49 -25.29 6.96
C LEU B 57 9.03 -26.41 6.07
N LYS B 58 9.64 -27.43 6.70
CA LYS B 58 10.21 -28.56 5.98
C LYS B 58 9.10 -29.52 5.54
N GLN B 59 7.91 -29.41 6.14
CA GLN B 59 6.81 -30.34 5.88
C GLN B 59 6.08 -29.93 4.60
N PRO B 60 5.22 -30.80 4.04
CA PRO B 60 4.46 -30.47 2.83
C PRO B 60 3.43 -29.36 3.04
N VAL B 61 2.88 -28.85 1.93
CA VAL B 61 2.02 -27.68 2.00
C VAL B 61 0.78 -27.99 2.87
N SER B 62 0.19 -29.19 2.71
CA SER B 62 -1.03 -29.50 3.44
C SER B 62 -0.75 -29.42 4.95
N GLU B 63 0.44 -29.83 5.40
CA GLU B 63 0.82 -29.81 6.81
C GLU B 63 1.02 -28.38 7.30
N ARG B 64 1.66 -27.56 6.46
CA ARG B 64 1.91 -26.17 6.77
C ARG B 64 0.56 -25.47 6.96
N LEU B 65 -0.34 -25.75 6.01
CA LEU B 65 -1.65 -25.16 5.99
C LEU B 65 -2.46 -25.58 7.23
N ASP B 66 -2.40 -26.86 7.60
CA ASP B 66 -3.09 -27.31 8.83
C ASP B 66 -2.56 -26.55 10.04
N PHE B 67 -1.23 -26.37 10.11
CA PHE B 67 -0.59 -25.64 11.19
C PHE B 67 -1.14 -24.22 11.34
N VAL B 68 -1.26 -23.53 10.18
CA VAL B 68 -1.76 -22.16 10.22
C VAL B 68 -3.23 -22.17 10.63
N CYS B 69 -4.02 -23.06 10.01
CA CYS B 69 -5.47 -23.15 10.34
C CYS B 69 -5.69 -23.47 11.82
N SER B 70 -4.81 -24.32 12.38
CA SER B 70 -4.91 -24.69 13.80
C SER B 70 -4.64 -23.48 14.69
N PHE B 71 -3.63 -22.67 14.32
CA PHE B 71 -3.30 -21.48 15.07
C PHE B 71 -4.51 -20.52 15.09
N LEU B 72 -5.14 -20.34 13.91
CA LEU B 72 -6.23 -19.40 13.82
C LEU B 72 -7.45 -19.92 14.61
N GLN B 73 -7.64 -21.24 14.58
CA GLN B 73 -8.82 -21.83 15.27
C GLN B 73 -8.60 -21.73 16.80
N LYS B 74 -7.39 -22.06 17.25
CA LYS B 74 -7.00 -22.00 18.66
C LYS B 74 -7.26 -20.61 19.25
N ASN B 75 -6.99 -19.58 18.43
CA ASN B 75 -6.85 -18.24 19.02
C ASN B 75 -8.09 -17.36 18.77
N ARG B 76 -9.16 -17.95 18.17
CA ARG B 76 -10.36 -17.15 17.95
C ARG B 76 -11.13 -17.09 19.29
N LYS B 77 -12.05 -16.13 19.37
CA LYS B 77 -12.82 -15.85 20.56
C LYS B 77 -13.84 -16.97 20.83
N HIS B 78 -14.27 -17.71 19.79
CA HIS B 78 -15.10 -18.96 19.93
C HIS B 78 -14.41 -20.20 19.34
N PRO B 79 -13.39 -20.78 20.03
CA PRO B 79 -12.55 -21.82 19.41
C PRO B 79 -13.33 -23.13 19.19
N SER B 80 -14.40 -23.33 19.94
CA SER B 80 -15.20 -24.56 19.82
C SER B 80 -16.16 -24.48 18.62
N SER B 81 -16.40 -23.28 18.08
CA SER B 81 -17.16 -23.10 16.83
C SER B 81 -16.67 -24.10 15.78
N PRO B 82 -17.56 -24.97 15.25
CA PRO B 82 -17.14 -26.10 14.41
C PRO B 82 -16.76 -25.73 12.98
N GLU B 83 -17.25 -24.58 12.50
CA GLU B 83 -16.82 -24.04 11.21
C GLU B 83 -15.46 -23.36 11.45
N CYS B 84 -14.43 -23.80 10.73
CA CYS B 84 -13.12 -23.10 10.71
C CYS B 84 -13.27 -21.72 10.07
N LEU B 85 -12.52 -20.72 10.56
CA LEU B 85 -12.51 -19.42 9.92
C LEU B 85 -11.85 -19.54 8.55
N VAL B 86 -11.06 -20.58 8.37
CA VAL B 86 -10.25 -20.76 7.22
C VAL B 86 -10.59 -22.10 6.58
N SER B 87 -10.81 -22.03 5.26
CA SER B 87 -11.00 -23.19 4.38
C SER B 87 -9.67 -23.57 3.74
N ALA B 88 -9.04 -24.65 4.23
CA ALA B 88 -7.85 -25.19 3.65
C ALA B 88 -8.08 -25.50 2.16
N GLN B 89 -9.29 -25.99 1.83
CA GLN B 89 -9.66 -26.35 0.49
C GLN B 89 -9.55 -25.10 -0.39
N LYS B 90 -10.10 -23.96 0.07
CA LYS B 90 -10.12 -22.76 -0.76
C LYS B 90 -8.71 -22.21 -0.95
N VAL B 91 -7.84 -22.39 0.05
CA VAL B 91 -6.46 -21.94 -0.10
C VAL B 91 -5.79 -22.75 -1.20
N LEU B 92 -6.01 -24.06 -1.19
CA LEU B 92 -5.34 -24.92 -2.16
C LEU B 92 -5.89 -24.68 -3.58
N GLU B 93 -7.14 -24.22 -3.67
CA GLU B 93 -7.77 -23.78 -4.95
C GLU B 93 -7.32 -22.37 -5.36
N GLY B 94 -6.55 -21.68 -4.52
CA GLY B 94 -5.92 -20.38 -4.89
C GLY B 94 -6.81 -19.17 -4.60
N SER B 95 -7.66 -19.28 -3.60
CA SER B 95 -8.58 -18.17 -3.23
C SER B 95 -7.78 -17.03 -2.60
N GLU B 96 -7.71 -15.91 -3.33
CA GLU B 96 -7.08 -14.73 -2.83
C GLU B 96 -7.87 -14.20 -1.64
N LEU B 97 -9.20 -14.31 -1.73
CA LEU B 97 -10.07 -13.83 -0.64
C LEU B 97 -9.73 -14.59 0.66
N GLU B 98 -9.59 -15.92 0.57
CA GLU B 98 -9.24 -16.71 1.78
C GLU B 98 -7.87 -16.32 2.33
N LEU B 99 -6.88 -16.15 1.41
CA LEU B 99 -5.54 -15.75 1.85
C LEU B 99 -5.54 -14.35 2.53
N ALA B 100 -6.39 -13.45 2.00
CA ALA B 100 -6.55 -12.11 2.61
C ALA B 100 -7.17 -12.18 4.02
N LYS B 101 -8.14 -13.08 4.17
CA LYS B 101 -8.81 -13.25 5.46
C LYS B 101 -7.77 -13.74 6.46
N MET B 102 -6.95 -14.72 6.03
CA MET B 102 -5.90 -15.25 6.91
C MET B 102 -4.96 -14.15 7.38
N THR B 103 -4.55 -13.30 6.40
CA THR B 103 -3.62 -12.27 6.72
C THR B 103 -4.21 -11.20 7.66
N MET B 104 -5.46 -10.82 7.43
CA MET B 104 -6.19 -9.94 8.31
C MET B 104 -6.31 -10.46 9.77
N LEU B 105 -6.58 -11.75 9.89
CA LEU B 105 -6.58 -12.35 11.22
C LEU B 105 -5.20 -12.32 11.89
N LEU B 106 -4.11 -12.60 11.11
CA LEU B 106 -2.79 -12.54 11.64
C LEU B 106 -2.41 -11.12 12.01
N LEU B 107 -2.89 -10.12 11.26
CA LEU B 107 -2.63 -8.73 11.66
C LEU B 107 -3.21 -8.44 13.05
N TYR B 108 -4.44 -8.92 13.24
CA TYR B 108 -5.13 -8.82 14.52
C TYR B 108 -4.32 -9.52 15.63
N HIS B 109 -3.96 -10.77 15.42
CA HIS B 109 -3.24 -11.51 16.46
C HIS B 109 -1.88 -10.87 16.76
N SER B 110 -1.22 -10.34 15.70
CA SER B 110 0.07 -9.74 15.91
C SER B 110 -0.09 -8.46 16.74
N THR B 111 -1.08 -7.65 16.38
CA THR B 111 -1.27 -6.26 16.97
C THR B 111 -1.74 -6.49 18.42
N MET B 112 -2.53 -7.55 18.61
CA MET B 112 -3.13 -8.00 19.87
C MET B 112 -4.24 -7.03 20.33
N ARG B 118 2.14 -0.66 18.05
CA ARG B 118 2.33 -0.70 16.60
C ARG B 118 2.96 0.63 16.12
N ASP B 119 3.97 0.54 15.24
CA ASP B 119 4.61 1.73 14.68
C ASP B 119 4.36 1.72 13.17
N TRP B 120 3.33 2.44 12.72
CA TRP B 120 2.91 2.51 11.36
C TRP B 120 3.32 3.86 10.73
N GLU B 121 4.13 4.66 11.41
CA GLU B 121 4.46 6.03 11.01
C GLU B 121 5.18 6.02 9.65
N GLN B 122 5.83 4.89 9.32
CA GLN B 122 6.66 4.84 8.11
C GLN B 122 5.82 4.45 6.89
N PHE B 123 4.60 3.92 7.08
CA PHE B 123 3.79 3.46 5.94
C PHE B 123 3.26 4.64 5.13
N GLU B 124 2.97 4.42 3.83
CA GLU B 124 2.25 5.41 3.03
C GLU B 124 1.01 5.85 3.81
N TYR B 125 0.59 7.09 3.69
CA TYR B 125 -0.57 7.54 4.47
C TYR B 125 -1.82 6.74 4.07
N LYS B 126 -1.99 6.37 2.80
CA LYS B 126 -3.16 5.60 2.40
C LYS B 126 -3.13 4.23 3.11
N ILE B 127 -1.96 3.69 3.34
CA ILE B 127 -1.83 2.37 3.98
C ILE B 127 -2.10 2.57 5.47
N GLN B 128 -1.54 3.60 6.09
CA GLN B 128 -1.86 3.89 7.51
C GLN B 128 -3.36 3.94 7.68
N ALA B 129 -4.06 4.63 6.79
CA ALA B 129 -5.53 4.81 6.92
C ALA B 129 -6.20 3.46 6.79
N GLU B 130 -5.80 2.66 5.82
CA GLU B 130 -6.53 1.43 5.52
C GLU B 130 -6.20 0.39 6.59
N LEU B 131 -4.99 0.35 7.12
CA LEU B 131 -4.66 -0.65 8.11
C LEU B 131 -5.45 -0.29 9.36
N ALA B 132 -5.59 0.98 9.69
CA ALA B 132 -6.37 1.35 10.93
C ALA B 132 -7.81 0.87 10.76
N VAL B 133 -8.40 1.01 9.58
CA VAL B 133 -9.75 0.57 9.29
C VAL B 133 -9.83 -0.93 9.45
N ILE B 134 -8.91 -1.66 8.79
CA ILE B 134 -8.94 -3.11 8.80
C ILE B 134 -8.83 -3.60 10.26
N LEU B 135 -7.87 -3.08 11.00
CA LEU B 135 -7.65 -3.62 12.33
C LEU B 135 -8.83 -3.23 13.24
N LYS B 136 -9.42 -2.03 13.08
CA LYS B 136 -10.59 -1.69 13.91
C LYS B 136 -11.77 -2.61 13.57
N PHE B 137 -11.94 -2.98 12.31
CA PHE B 137 -13.00 -3.88 11.91
C PHE B 137 -12.84 -5.20 12.63
N VAL B 138 -11.65 -5.78 12.67
CA VAL B 138 -11.52 -7.08 13.35
C VAL B 138 -11.83 -6.88 14.82
N LEU B 139 -11.26 -5.84 15.44
CA LEU B 139 -11.48 -5.58 16.86
C LEU B 139 -12.99 -5.47 17.15
N ASP B 140 -13.75 -4.80 16.29
CA ASP B 140 -15.18 -4.61 16.50
C ASP B 140 -16.01 -5.89 16.27
N HIS B 141 -15.46 -6.88 15.58
CA HIS B 141 -16.22 -8.04 15.16
C HIS B 141 -15.68 -9.34 15.81
N GLU B 142 -14.58 -9.29 16.55
CA GLU B 142 -13.80 -10.46 16.92
C GLU B 142 -14.67 -11.34 17.81
N ASP B 143 -15.61 -10.71 18.51
CA ASP B 143 -16.35 -11.43 19.54
C ASP B 143 -17.65 -11.98 18.99
N GLY B 144 -18.00 -11.65 17.75
CA GLY B 144 -19.35 -11.91 17.27
C GLY B 144 -19.47 -13.29 16.61
N LEU B 145 -20.71 -13.73 16.57
CA LEU B 145 -21.00 -15.08 16.08
C LEU B 145 -20.73 -15.17 14.57
N ASN B 146 -20.64 -14.02 13.89
CA ASN B 146 -20.69 -14.02 12.41
C ASN B 146 -19.33 -13.58 11.87
N LEU B 147 -18.24 -13.69 12.63
CA LEU B 147 -16.96 -13.13 12.27
C LEU B 147 -16.57 -13.58 10.86
N ASN B 148 -16.68 -14.87 10.55
CA ASN B 148 -16.21 -15.37 9.25
C ASN B 148 -16.91 -14.64 8.11
N GLU B 149 -18.24 -14.55 8.17
CA GLU B 149 -19.04 -13.87 7.12
C GLU B 149 -18.72 -12.37 7.13
N ASP B 150 -18.52 -11.78 8.30
CA ASP B 150 -18.22 -10.36 8.40
C ASP B 150 -16.89 -10.04 7.69
N LEU B 151 -15.88 -10.89 7.93
CA LEU B 151 -14.54 -10.69 7.30
C LEU B 151 -14.69 -10.86 5.79
N GLU B 152 -15.40 -11.90 5.36
CA GLU B 152 -15.51 -12.16 3.91
C GLU B 152 -16.22 -10.98 3.23
N ASN B 153 -17.30 -10.48 3.86
CA ASN B 153 -18.06 -9.39 3.25
C ASN B 153 -17.20 -8.13 3.19
N PHE B 154 -16.37 -7.93 4.21
CA PHE B 154 -15.54 -6.73 4.32
C PHE B 154 -14.47 -6.74 3.23
N LEU B 155 -13.98 -7.92 2.87
CA LEU B 155 -12.85 -8.04 1.98
C LEU B 155 -13.31 -8.11 0.52
N GLN B 156 -14.59 -8.44 0.22
CA GLN B 156 -14.93 -8.66 -1.21
C GLN B 156 -15.95 -7.63 -1.73
N LYS B 157 -15.84 -7.41 -3.03
CA LYS B 157 -16.48 -6.37 -3.85
C LYS B 157 -17.88 -6.83 -4.26
N THR C 6 29.85 9.29 7.73
CA THR C 6 28.50 9.01 8.30
C THR C 6 27.81 10.35 8.57
N LEU C 7 26.48 10.30 8.50
CA LEU C 7 25.64 11.50 8.70
C LEU C 7 25.35 11.67 10.18
N HIS C 8 25.60 12.86 10.71
CA HIS C 8 25.25 13.26 12.08
C HIS C 8 23.79 12.89 12.36
N ALA C 9 23.57 12.07 13.39
CA ALA C 9 22.25 11.48 13.53
C ALA C 9 21.16 12.52 13.79
N THR C 10 21.44 13.50 14.68
CA THR C 10 20.38 14.50 15.00
C THR C 10 20.13 15.41 13.79
N ARG C 11 21.20 15.70 13.02
CA ARG C 11 20.99 16.60 11.91
C ARG C 11 20.19 15.89 10.82
N GLY C 12 20.55 14.65 10.52
CA GLY C 12 19.74 13.84 9.58
C GLY C 12 18.28 13.73 10.00
N ALA C 13 18.08 13.41 11.30
CA ALA C 13 16.70 13.25 11.80
C ALA C 13 15.89 14.55 11.67
N ALA C 14 16.55 15.71 11.91
CA ALA C 14 15.83 16.96 11.80
C ALA C 14 15.43 17.26 10.35
N LEU C 15 16.38 16.99 9.43
CA LEU C 15 16.10 17.18 8.01
C LEU C 15 14.92 16.33 7.52
N LEU C 16 14.89 15.05 7.98
CA LEU C 16 13.78 14.18 7.62
C LEU C 16 12.45 14.60 8.28
N SER C 17 12.52 15.07 9.52
CA SER C 17 11.32 15.61 10.19
C SER C 17 10.74 16.77 9.38
N TRP C 18 11.66 17.67 8.95
CA TRP C 18 11.21 18.80 8.15
C TRP C 18 10.58 18.32 6.83
N VAL C 19 11.31 17.46 6.08
CA VAL C 19 10.76 16.97 4.83
C VAL C 19 9.34 16.42 4.99
N ASN C 20 9.21 15.53 6.00
CA ASN C 20 7.94 14.84 6.17
C ASN C 20 6.82 15.82 6.53
N SER C 21 7.18 16.88 7.27
CA SER C 21 6.19 17.87 7.76
C SER C 21 5.58 18.67 6.59
N LEU C 22 6.24 18.65 5.41
CA LEU C 22 5.71 19.41 4.26
C LEU C 22 4.50 18.73 3.64
N HIS C 23 4.37 17.40 3.84
CA HIS C 23 3.32 16.65 3.21
C HIS C 23 3.33 16.89 1.70
N VAL C 24 4.51 16.73 1.07
CA VAL C 24 4.58 16.71 -0.37
C VAL C 24 4.64 15.28 -0.88
N ALA C 25 4.75 14.30 0.04
CA ALA C 25 4.84 12.92 -0.37
C ALA C 25 4.53 12.05 0.85
N ASP C 26 4.43 10.73 0.61
CA ASP C 26 4.37 9.77 1.73
C ASP C 26 5.65 9.87 2.57
N PRO C 27 5.62 9.39 3.82
CA PRO C 27 6.78 9.50 4.69
C PRO C 27 8.04 8.86 4.15
N VAL C 28 9.18 9.45 4.47
CA VAL C 28 10.45 8.85 4.21
C VAL C 28 11.14 8.63 5.56
N GLU C 29 11.87 7.53 5.62
CA GLU C 29 12.49 7.07 6.84
C GLU C 29 14.00 7.27 6.82
N ALA C 30 14.59 7.46 5.61
CA ALA C 30 16.03 7.55 5.50
C ALA C 30 16.35 8.57 4.40
N VAL C 31 17.44 9.32 4.59
CA VAL C 31 17.88 10.30 3.60
C VAL C 31 18.13 9.66 2.24
N LEU C 32 18.65 8.43 2.20
CA LEU C 32 18.87 7.71 0.94
C LEU C 32 17.60 7.62 0.08
N GLN C 33 16.43 7.61 0.71
CA GLN C 33 15.18 7.50 -0.01
C GLN C 33 14.85 8.77 -0.77
N LEU C 34 15.65 9.84 -0.61
CA LEU C 34 15.54 11.06 -1.44
C LEU C 34 16.32 10.95 -2.77
N GLN C 35 17.03 9.86 -2.98
CA GLN C 35 17.95 9.70 -4.11
C GLN C 35 17.28 9.95 -5.47
N ASP C 36 16.01 9.59 -5.63
CA ASP C 36 15.36 9.66 -6.97
C ASP C 36 14.91 11.10 -7.28
N CYS C 37 15.11 12.03 -6.35
CA CYS C 37 14.92 13.49 -6.54
C CYS C 37 13.45 13.91 -6.69
N SER C 38 12.52 12.96 -6.56
CA SER C 38 11.10 13.22 -6.72
C SER C 38 10.65 14.23 -5.64
N ILE C 39 10.98 13.95 -4.38
CA ILE C 39 10.53 14.83 -3.31
C ILE C 39 11.17 16.22 -3.49
N PHE C 40 12.45 16.25 -3.80
CA PHE C 40 13.12 17.53 -4.00
C PHE C 40 12.38 18.38 -5.04
N ILE C 41 11.92 17.78 -6.13
CA ILE C 41 11.18 18.56 -7.10
C ILE C 41 9.88 19.09 -6.52
N LYS C 42 9.20 18.27 -5.72
CA LYS C 42 7.97 18.69 -5.08
C LYS C 42 8.24 19.84 -4.09
N ILE C 43 9.39 19.83 -3.42
CA ILE C 43 9.74 20.87 -2.48
C ILE C 43 9.94 22.18 -3.25
N ILE C 44 10.61 22.11 -4.40
CA ILE C 44 10.81 23.32 -5.26
C ILE C 44 9.47 23.87 -5.75
N ASP C 45 8.57 22.97 -6.15
CA ASP C 45 7.21 23.37 -6.53
C ASP C 45 6.52 24.10 -5.36
N ARG C 46 6.66 23.59 -4.13
CA ARG C 46 6.06 24.21 -2.95
C ARG C 46 6.67 25.61 -2.76
N ILE C 47 7.99 25.75 -2.93
CA ILE C 47 8.66 27.04 -2.77
C ILE C 47 8.09 28.05 -3.77
N HIS C 48 7.94 27.63 -5.03
CA HIS C 48 7.45 28.48 -6.11
C HIS C 48 5.93 28.69 -6.00
N GLY C 49 5.25 27.85 -5.21
CA GLY C 49 3.81 27.89 -5.07
C GLY C 49 3.10 27.34 -6.30
N THR C 50 3.82 26.49 -7.06
CA THR C 50 3.24 25.69 -8.15
C THR C 50 2.36 24.61 -7.52
N GLU C 51 1.16 24.40 -8.07
CA GLU C 51 0.19 23.42 -7.54
C GLU C 51 0.33 22.08 -8.28
N GLU C 52 0.69 22.15 -9.57
CA GLU C 52 0.80 20.98 -10.48
C GLU C 52 1.65 19.87 -9.85
N GLN C 59 11.13 13.36 -15.57
CA GLN C 59 10.90 11.93 -15.45
C GLN C 59 12.20 11.22 -15.08
N PRO C 60 13.27 11.03 -15.91
CA PRO C 60 14.45 10.30 -15.42
C PRO C 60 15.16 11.00 -14.26
N VAL C 61 15.81 10.20 -13.40
CA VAL C 61 16.37 10.73 -12.17
C VAL C 61 17.46 11.76 -12.49
N SER C 62 18.32 11.47 -13.49
CA SER C 62 19.40 12.39 -13.79
C SER C 62 18.81 13.75 -14.24
N GLU C 63 17.64 13.75 -14.89
CA GLU C 63 16.97 15.02 -15.31
C GLU C 63 16.45 15.78 -14.09
N ARG C 64 15.85 15.02 -13.15
CA ARG C 64 15.33 15.60 -11.93
C ARG C 64 16.49 16.25 -11.18
N LEU C 65 17.60 15.52 -11.08
CA LEU C 65 18.77 15.93 -10.37
C LEU C 65 19.37 17.20 -11.02
N ASP C 66 19.45 17.25 -12.35
CA ASP C 66 19.93 18.49 -13.00
C ASP C 66 19.05 19.69 -12.62
N PHE C 67 17.74 19.47 -12.65
CA PHE C 67 16.77 20.49 -12.29
C PHE C 67 16.99 21.01 -10.87
N VAL C 68 17.16 20.10 -9.90
CA VAL C 68 17.41 20.53 -8.54
C VAL C 68 18.75 21.25 -8.43
N CYS C 69 19.81 20.72 -9.06
CA CYS C 69 21.13 21.39 -9.01
C CYS C 69 21.06 22.79 -9.65
N SER C 70 20.24 22.95 -10.70
CA SER C 70 20.07 24.25 -11.32
C SER C 70 19.38 25.26 -10.36
N PHE C 71 18.36 24.76 -9.66
CA PHE C 71 17.66 25.58 -8.71
C PHE C 71 18.61 26.03 -7.59
N LEU C 72 19.44 25.10 -7.08
CA LEU C 72 20.36 25.46 -6.02
C LEU C 72 21.42 26.45 -6.51
N GLN C 73 21.85 26.27 -7.75
CA GLN C 73 22.84 27.16 -8.39
C GLN C 73 22.25 28.58 -8.51
N LYS C 74 21.02 28.67 -9.03
CA LYS C 74 20.33 29.95 -9.21
C LYS C 74 20.19 30.72 -7.89
N ASN C 75 20.07 30.00 -6.79
CA ASN C 75 19.71 30.57 -5.49
C ASN C 75 20.92 30.84 -4.58
N ARG C 76 22.14 30.58 -5.06
CA ARG C 76 23.35 30.81 -4.30
C ARG C 76 23.68 32.30 -4.18
N LYS C 77 24.47 32.65 -3.18
CA LYS C 77 24.88 34.03 -2.92
C LYS C 77 25.82 34.56 -4.03
N HIS C 78 26.75 33.72 -4.48
CA HIS C 78 27.74 34.05 -5.58
C HIS C 78 27.82 32.85 -6.54
N PRO C 79 26.90 32.73 -7.53
CA PRO C 79 26.75 31.51 -8.33
C PRO C 79 28.01 30.97 -9.01
N SER C 80 29.01 31.81 -9.32
CA SER C 80 30.22 31.28 -9.99
C SER C 80 31.20 30.62 -8.99
N SER C 81 31.06 30.95 -7.71
CA SER C 81 31.99 30.51 -6.68
C SER C 81 31.35 30.64 -5.28
N GLU C 83 31.65 26.84 -7.59
CA GLU C 83 31.09 26.65 -8.94
C GLU C 83 29.88 25.67 -9.02
N CYS C 84 29.86 24.53 -8.30
CA CYS C 84 28.54 23.78 -8.02
C CYS C 84 28.48 23.42 -6.54
N LEU C 85 27.34 23.67 -5.89
CA LEU C 85 27.27 23.33 -4.48
C LEU C 85 27.10 21.82 -4.31
N VAL C 86 26.55 21.17 -5.32
CA VAL C 86 26.17 19.77 -5.26
C VAL C 86 26.87 18.99 -6.36
N SER C 87 27.37 17.80 -6.01
CA SER C 87 27.92 16.80 -6.94
C SER C 87 26.83 15.82 -7.41
N ALA C 88 26.36 16.02 -8.66
CA ALA C 88 25.38 15.12 -9.24
C ALA C 88 25.94 13.69 -9.27
N GLN C 89 27.26 13.56 -9.51
CA GLN C 89 27.92 12.26 -9.57
C GLN C 89 27.70 11.56 -8.22
N LYS C 90 27.92 12.26 -7.11
CA LYS C 90 27.88 11.62 -5.80
C LYS C 90 26.44 11.21 -5.45
N VAL C 91 25.46 11.99 -5.89
CA VAL C 91 24.07 11.64 -5.67
C VAL C 91 23.74 10.35 -6.42
N LEU C 92 24.20 10.26 -7.68
CA LEU C 92 23.89 9.08 -8.50
C LEU C 92 24.57 7.84 -7.91
N GLU C 93 25.71 8.02 -7.23
CA GLU C 93 26.42 6.94 -6.50
C GLU C 93 25.78 6.63 -5.13
N GLY C 94 24.76 7.39 -4.73
CA GLY C 94 23.98 7.11 -3.50
C GLY C 94 24.58 7.72 -2.24
N SER C 95 25.22 8.88 -2.38
CA SER C 95 25.81 9.58 -1.22
C SER C 95 24.70 10.18 -0.35
N GLU C 96 24.57 9.63 0.86
CA GLU C 96 23.61 10.16 1.81
C GLU C 96 24.04 11.58 2.19
N LEU C 97 25.37 11.77 2.31
CA LEU C 97 25.90 13.07 2.72
C LEU C 97 25.51 14.14 1.70
N GLU C 98 25.62 13.81 0.41
CA GLU C 98 25.28 14.80 -0.65
C GLU C 98 23.78 15.06 -0.63
N LEU C 99 22.98 14.01 -0.47
CA LEU C 99 21.52 14.20 -0.36
C LEU C 99 21.13 15.05 0.85
N ALA C 100 21.85 14.91 1.96
CA ALA C 100 21.57 15.72 3.17
C ALA C 100 21.92 17.19 2.90
N LYS C 101 23.03 17.39 2.14
CA LYS C 101 23.42 18.78 1.83
C LYS C 101 22.30 19.40 0.99
N MET C 102 21.80 18.64 0.02
CA MET C 102 20.72 19.16 -0.82
C MET C 102 19.49 19.54 0.01
N THR C 103 19.13 18.63 0.94
CA THR C 103 17.96 18.86 1.74
C THR C 103 18.11 20.07 2.67
N MET C 104 19.29 20.24 3.27
CA MET C 104 19.62 21.39 4.08
C MET C 104 19.45 22.71 3.31
N LEU C 105 20.01 22.73 2.09
CA LEU C 105 19.86 23.94 1.29
C LEU C 105 18.40 24.21 0.91
N LEU C 106 17.62 23.17 0.60
CA LEU C 106 16.22 23.36 0.30
C LEU C 106 15.45 23.85 1.55
N LEU C 107 15.86 23.36 2.73
CA LEU C 107 15.19 23.85 3.99
C LEU C 107 15.43 25.36 4.12
N TYR C 108 16.69 25.76 3.83
CA TYR C 108 17.08 27.13 3.94
C TYR C 108 16.27 27.96 2.94
N HIS C 109 16.29 27.61 1.64
CA HIS C 109 15.56 28.37 0.67
C HIS C 109 14.05 28.42 0.92
N SER C 110 13.50 27.30 1.39
CA SER C 110 12.08 27.24 1.75
CA SER C 110 12.09 27.25 1.73
C SER C 110 11.78 28.25 2.86
N THR C 111 12.61 28.25 3.88
CA THR C 111 12.33 29.02 5.11
C THR C 111 12.50 30.52 4.81
N MET C 112 13.42 30.83 3.86
CA MET C 112 13.70 32.22 3.54
C MET C 112 12.73 32.80 2.50
N SER C 113 11.85 31.99 1.91
CA SER C 113 11.03 32.36 0.74
C SER C 113 9.57 32.66 1.11
N SER C 114 9.25 32.65 2.40
CA SER C 114 7.87 32.60 2.85
C SER C 114 7.72 33.40 4.14
N LYS C 115 6.57 34.02 4.32
CA LYS C 115 6.29 34.63 5.62
C LYS C 115 5.06 34.00 6.28
N SER C 116 4.61 32.86 5.77
CA SER C 116 3.59 32.12 6.39
C SER C 116 4.11 31.44 7.65
N PRO C 117 3.22 31.09 8.59
CA PRO C 117 3.64 30.34 9.78
C PRO C 117 4.33 29.02 9.42
N ARG C 118 5.40 28.68 10.13
CA ARG C 118 6.12 27.44 9.86
C ARG C 118 5.45 26.24 10.57
N ASP C 119 4.67 26.51 11.60
CA ASP C 119 4.07 25.37 12.39
C ASP C 119 5.12 24.35 12.84
N TRP C 120 6.30 24.84 13.17
CA TRP C 120 7.37 24.01 13.73
C TRP C 120 7.06 23.70 15.20
N GLU C 121 6.00 24.26 15.76
CA GLU C 121 5.60 23.91 17.15
C GLU C 121 5.25 22.43 17.24
N GLN C 122 4.89 21.83 16.10
CA GLN C 122 4.53 20.39 16.04
C GLN C 122 5.73 19.50 16.43
N PHE C 123 6.97 19.98 16.25
CA PHE C 123 8.14 19.19 16.49
C PHE C 123 8.53 19.23 17.96
N GLU C 124 9.11 18.08 18.43
CA GLU C 124 9.86 18.07 19.66
C GLU C 124 10.82 19.26 19.70
N TYR C 125 11.05 19.80 20.90
CA TYR C 125 11.99 20.92 20.98
C TYR C 125 13.39 20.53 20.49
N LYS C 126 13.85 19.28 20.66
CA LYS C 126 15.16 18.86 20.14
C LYS C 126 15.24 19.12 18.62
N ILE C 127 14.17 18.86 17.89
CA ILE C 127 14.13 19.03 16.44
C ILE C 127 14.09 20.55 16.14
N GLN C 128 13.25 21.30 16.87
CA GLN C 128 13.17 22.72 16.68
C GLN C 128 14.57 23.33 16.89
N ALA C 129 15.27 22.90 17.92
CA ALA C 129 16.62 23.39 18.25
C ALA C 129 17.58 23.11 17.10
N GLU C 130 17.52 21.91 16.54
CA GLU C 130 18.45 21.55 15.50
C GLU C 130 18.13 22.35 14.22
N LEU C 131 16.87 22.51 13.88
CA LEU C 131 16.46 23.21 12.69
C LEU C 131 17.00 24.63 12.78
N ALA C 132 16.93 25.26 13.96
CA ALA C 132 17.42 26.66 14.09
C ALA C 132 18.92 26.68 13.83
N VAL C 133 19.66 25.69 14.35
CA VAL C 133 21.11 25.59 14.18
C VAL C 133 21.40 25.44 12.68
N ILE C 134 20.64 24.62 11.99
CA ILE C 134 20.87 24.35 10.57
C ILE C 134 20.66 25.65 9.80
N LEU C 135 19.55 26.35 10.04
CA LEU C 135 19.30 27.65 9.36
C LEU C 135 20.45 28.62 9.64
N LYS C 136 20.91 28.72 10.88
CA LYS C 136 21.95 29.65 11.23
C LYS C 136 23.26 29.30 10.50
N PHE C 137 23.53 28.00 10.36
CA PHE C 137 24.73 27.56 9.74
C PHE C 137 24.76 28.03 8.28
N VAL C 138 23.69 27.82 7.55
CA VAL C 138 23.69 28.20 6.12
C VAL C 138 23.85 29.71 6.04
N LEU C 139 23.06 30.44 6.85
CA LEU C 139 23.12 31.90 6.87
C LEU C 139 24.56 32.40 7.06
N ASP C 140 25.28 31.79 8.00
CA ASP C 140 26.58 32.29 8.43
C ASP C 140 27.66 31.91 7.42
N HIS C 141 27.38 30.95 6.52
CA HIS C 141 28.41 30.43 5.64
C HIS C 141 28.11 30.65 4.13
N GLU C 142 26.96 31.22 3.77
CA GLU C 142 26.54 31.05 2.39
C GLU C 142 27.36 31.98 1.50
N ASP C 143 28.07 32.91 2.12
CA ASP C 143 28.79 33.91 1.36
C ASP C 143 30.24 33.43 1.13
N GLY C 144 30.61 32.31 1.73
CA GLY C 144 31.99 31.82 1.65
C GLY C 144 32.21 30.88 0.48
N LEU C 145 33.43 30.94 -0.07
CA LEU C 145 33.76 30.09 -1.18
C LEU C 145 33.79 28.61 -0.81
N ASN C 146 33.95 28.28 0.48
CA ASN C 146 34.13 26.89 0.89
C ASN C 146 32.80 26.32 1.42
N LEU C 147 31.64 26.84 0.99
CA LEU C 147 30.34 26.45 1.50
C LEU C 147 30.17 24.93 1.37
N ASN C 148 30.57 24.35 0.21
CA ASN C 148 30.34 22.91 0.02
C ASN C 148 31.01 22.10 1.15
N GLU C 149 32.28 22.37 1.40
CA GLU C 149 33.08 21.70 2.44
C GLU C 149 32.53 22.03 3.84
N ASP C 150 32.10 23.27 4.04
CA ASP C 150 31.54 23.68 5.34
C ASP C 150 30.28 22.84 5.63
N LEU C 151 29.41 22.68 4.62
CA LEU C 151 28.19 21.84 4.77
C LEU C 151 28.58 20.39 5.08
N GLU C 152 29.55 19.86 4.37
CA GLU C 152 29.95 18.46 4.59
C GLU C 152 30.45 18.26 6.02
N ASN C 153 31.27 19.18 6.53
CA ASN C 153 31.82 19.05 7.86
C ASN C 153 30.67 19.16 8.88
N PHE C 154 29.71 20.03 8.60
CA PHE C 154 28.59 20.25 9.52
C PHE C 154 27.74 18.98 9.61
N LEU C 155 27.54 18.33 8.45
CA LEU C 155 26.60 17.20 8.40
C LEU C 155 27.25 15.88 8.80
N GLN C 156 28.56 15.83 8.99
CA GLN C 156 29.23 14.60 9.46
C GLN C 156 29.08 14.47 10.97
N MET D 5 22.42 -13.85 -12.42
CA MET D 5 21.48 -14.63 -13.30
C MET D 5 21.32 -13.94 -14.67
N THR D 6 21.82 -14.58 -15.73
CA THR D 6 21.42 -14.26 -17.10
C THR D 6 20.85 -15.53 -17.75
N LEU D 7 20.11 -15.33 -18.86
CA LEU D 7 19.39 -16.40 -19.55
C LEU D 7 20.38 -17.24 -20.38
N HIS D 8 20.29 -18.57 -20.19
CA HIS D 8 21.05 -19.51 -20.97
C HIS D 8 20.68 -19.31 -22.45
N ALA D 9 21.67 -18.89 -23.23
CA ALA D 9 21.37 -18.37 -24.56
C ALA D 9 20.71 -19.42 -25.45
N THR D 10 21.22 -20.70 -25.41
CA THR D 10 20.68 -21.69 -26.32
C THR D 10 19.27 -22.11 -25.90
N ARG D 11 19.02 -22.10 -24.58
CA ARG D 11 17.68 -22.47 -24.13
C ARG D 11 16.67 -21.37 -24.49
N GLY D 12 17.08 -20.09 -24.33
CA GLY D 12 16.26 -18.99 -24.76
C GLY D 12 15.92 -19.05 -26.23
N ALA D 13 16.96 -19.32 -27.05
CA ALA D 13 16.80 -19.37 -28.49
C ALA D 13 15.84 -20.47 -28.91
N ALA D 14 15.94 -21.63 -28.22
CA ALA D 14 15.07 -22.76 -28.56
C ALA D 14 13.63 -22.45 -28.19
N LEU D 15 13.41 -21.78 -27.05
CA LEU D 15 12.05 -21.36 -26.67
C LEU D 15 11.45 -20.40 -27.69
N LEU D 16 12.26 -19.45 -28.19
CA LEU D 16 11.78 -18.52 -29.22
C LEU D 16 11.51 -19.29 -30.54
N SER D 17 12.38 -20.25 -30.91
CA SER D 17 12.11 -21.05 -32.07
C SER D 17 10.78 -21.80 -31.96
N TRP D 18 10.51 -22.37 -30.75
CA TRP D 18 9.22 -23.01 -30.53
C TRP D 18 8.07 -22.00 -30.72
N VAL D 19 8.16 -20.85 -30.05
CA VAL D 19 7.11 -19.84 -30.20
C VAL D 19 6.84 -19.52 -31.68
N ASN D 20 7.92 -19.27 -32.41
CA ASN D 20 7.78 -18.85 -33.83
C ASN D 20 7.13 -19.98 -34.64
N SER D 21 7.42 -21.25 -34.28
CA SER D 21 6.94 -22.41 -35.03
C SER D 21 5.41 -22.55 -34.93
N LEU D 22 4.79 -21.88 -33.97
CA LEU D 22 3.33 -22.00 -33.79
C LEU D 22 2.58 -21.13 -34.81
N HIS D 23 3.27 -20.14 -35.40
CA HIS D 23 2.65 -19.22 -36.33
C HIS D 23 1.38 -18.63 -35.68
N VAL D 24 1.52 -18.09 -34.47
CA VAL D 24 0.39 -17.34 -33.88
C VAL D 24 0.57 -15.84 -34.14
N ALA D 25 1.73 -15.44 -34.60
CA ALA D 25 2.12 -14.08 -34.84
C ALA D 25 3.30 -14.11 -35.81
N ASP D 26 3.72 -12.95 -36.28
CA ASP D 26 4.96 -12.87 -37.06
C ASP D 26 6.12 -13.28 -36.16
N PRO D 27 7.23 -13.78 -36.74
CA PRO D 27 8.36 -14.23 -35.94
C PRO D 27 8.93 -13.11 -35.06
N VAL D 28 9.45 -13.49 -33.89
CA VAL D 28 10.16 -12.59 -33.02
C VAL D 28 11.61 -13.07 -32.89
N GLU D 29 12.51 -12.14 -32.59
CA GLU D 29 13.92 -12.47 -32.57
C GLU D 29 14.49 -12.29 -31.16
N ALA D 30 13.75 -11.66 -30.23
CA ALA D 30 14.28 -11.45 -28.90
C ALA D 30 13.19 -11.74 -27.87
N VAL D 31 13.60 -12.31 -26.74
CA VAL D 31 12.65 -12.65 -25.67
C VAL D 31 11.85 -11.43 -25.20
N LEU D 32 12.49 -10.26 -25.14
CA LEU D 32 11.82 -9.03 -24.70
C LEU D 32 10.57 -8.72 -25.55
N GLN D 33 10.55 -9.18 -26.81
CA GLN D 33 9.42 -8.93 -27.68
C GLN D 33 8.16 -9.68 -27.22
N LEU D 34 8.27 -10.54 -26.20
CA LEU D 34 7.10 -11.20 -25.61
C LEU D 34 6.47 -10.38 -24.47
N GLN D 35 7.11 -9.27 -24.08
CA GLN D 35 6.69 -8.46 -22.94
C GLN D 35 5.22 -8.01 -23.01
N ASP D 36 4.67 -7.73 -24.18
CA ASP D 36 3.32 -7.12 -24.28
C ASP D 36 2.21 -8.20 -24.17
N CYS D 37 2.63 -9.47 -24.02
CA CYS D 37 1.73 -10.61 -23.69
C CYS D 37 0.77 -10.99 -24.82
N SER D 38 0.88 -10.34 -25.99
CA SER D 38 0.01 -10.64 -27.10
C SER D 38 0.23 -12.10 -27.57
N ILE D 39 1.49 -12.47 -27.78
CA ILE D 39 1.78 -13.83 -28.22
C ILE D 39 1.34 -14.83 -27.16
N PHE D 40 1.68 -14.55 -25.90
CA PHE D 40 1.29 -15.42 -24.81
C PHE D 40 -0.23 -15.71 -24.86
N ILE D 41 -1.05 -14.68 -25.06
CA ILE D 41 -2.50 -14.87 -25.10
C ILE D 41 -2.88 -15.78 -26.27
N LYS D 42 -2.22 -15.58 -27.42
CA LYS D 42 -2.55 -16.38 -28.58
C LYS D 42 -2.16 -17.84 -28.35
N ILE D 43 -1.07 -18.07 -27.60
CA ILE D 43 -0.64 -19.42 -27.32
C ILE D 43 -1.66 -20.08 -26.39
N ILE D 44 -2.20 -19.34 -25.42
CA ILE D 44 -3.25 -19.88 -24.50
C ILE D 44 -4.49 -20.28 -25.32
N ASP D 45 -4.90 -19.42 -26.25
CA ASP D 45 -6.00 -19.73 -27.16
C ASP D 45 -5.73 -21.04 -27.92
N ARG D 46 -4.49 -21.20 -28.42
CA ARG D 46 -4.13 -22.40 -29.16
C ARG D 46 -4.25 -23.64 -28.24
N ILE D 47 -3.80 -23.51 -26.97
CA ILE D 47 -3.86 -24.62 -26.02
C ILE D 47 -5.33 -25.01 -25.80
N HIS D 48 -6.19 -24.02 -25.58
CA HIS D 48 -7.60 -24.25 -25.24
C HIS D 48 -8.42 -24.68 -26.46
N GLY D 49 -8.03 -24.24 -27.65
CA GLY D 49 -8.87 -24.35 -28.83
C GLY D 49 -10.07 -23.41 -28.80
N THR D 50 -10.01 -22.36 -27.95
CA THR D 50 -11.06 -21.36 -27.83
C THR D 50 -10.51 -20.01 -28.29
N GLU D 51 -11.39 -18.99 -28.36
CA GLU D 51 -11.05 -17.66 -28.90
C GLU D 51 -11.14 -16.57 -27.83
N GLU D 52 -11.27 -16.95 -26.54
CA GLU D 52 -11.46 -16.03 -25.40
C GLU D 52 -10.38 -14.94 -25.38
N GLY D 53 -9.13 -15.35 -25.60
CA GLY D 53 -7.97 -14.45 -25.67
C GLY D 53 -8.16 -13.27 -26.61
N GLN D 54 -8.87 -13.49 -27.73
CA GLN D 54 -9.04 -12.45 -28.76
C GLN D 54 -9.68 -11.19 -28.14
N GLN D 55 -10.62 -11.36 -27.20
CA GLN D 55 -11.29 -10.23 -26.51
C GLN D 55 -10.28 -9.50 -25.61
N ILE D 56 -9.41 -10.25 -24.93
CA ILE D 56 -8.44 -9.69 -23.97
C ILE D 56 -7.35 -8.88 -24.71
N LEU D 57 -7.12 -9.18 -26.00
CA LEU D 57 -6.06 -8.49 -26.76
C LEU D 57 -6.36 -7.00 -26.91
N LYS D 58 -7.65 -6.64 -26.78
CA LYS D 58 -8.08 -5.24 -26.87
C LYS D 58 -7.73 -4.48 -25.58
N GLN D 59 -7.48 -5.21 -24.49
CA GLN D 59 -7.24 -4.61 -23.17
C GLN D 59 -5.77 -4.17 -23.08
N PRO D 60 -5.41 -3.29 -22.11
CA PRO D 60 -4.02 -2.86 -21.94
C PRO D 60 -3.13 -4.01 -21.43
N VAL D 61 -1.82 -3.76 -21.42
CA VAL D 61 -0.86 -4.81 -21.17
C VAL D 61 -1.04 -5.32 -19.73
N SER D 62 -1.31 -4.45 -18.74
CA SER D 62 -1.44 -4.94 -17.37
C SER D 62 -2.57 -6.00 -17.28
N GLU D 63 -3.66 -5.77 -18.03
CA GLU D 63 -4.83 -6.70 -18.00
C GLU D 63 -4.47 -7.99 -18.75
N ARG D 64 -3.75 -7.85 -19.85
CA ARG D 64 -3.31 -9.02 -20.60
C ARG D 64 -2.39 -9.88 -19.74
N LEU D 65 -1.48 -9.22 -19.01
CA LEU D 65 -0.53 -9.86 -18.14
C LEU D 65 -1.26 -10.57 -17.00
N ASP D 66 -2.25 -9.94 -16.41
CA ASP D 66 -3.05 -10.62 -15.35
C ASP D 66 -3.72 -11.88 -15.94
N PHE D 67 -4.26 -11.78 -17.15
CA PHE D 67 -4.90 -12.91 -17.84
C PHE D 67 -3.92 -14.07 -18.00
N VAL D 68 -2.69 -13.78 -18.43
CA VAL D 68 -1.70 -14.81 -18.62
C VAL D 68 -1.32 -15.41 -17.26
N CYS D 69 -1.05 -14.56 -16.27
CA CYS D 69 -0.69 -15.04 -14.94
C CYS D 69 -1.82 -15.87 -14.33
N SER D 70 -3.08 -15.49 -14.60
CA SER D 70 -4.23 -16.26 -14.08
C SER D 70 -4.26 -17.66 -14.73
N PHE D 71 -3.99 -17.73 -16.03
CA PHE D 71 -3.93 -19.01 -16.71
C PHE D 71 -2.83 -19.90 -16.08
N LEU D 72 -1.66 -19.31 -15.80
CA LEU D 72 -0.56 -20.08 -15.26
C LEU D 72 -0.88 -20.55 -13.82
N GLN D 73 -1.58 -19.69 -13.06
CA GLN D 73 -1.95 -20.01 -11.68
C GLN D 73 -3.00 -21.15 -11.70
N LYS D 74 -4.00 -21.00 -12.56
CA LYS D 74 -5.06 -21.97 -12.75
C LYS D 74 -4.54 -23.37 -13.08
N ASN D 75 -3.45 -23.41 -13.84
CA ASN D 75 -3.01 -24.67 -14.43
C ASN D 75 -1.87 -25.32 -13.61
N ARG D 76 -1.39 -24.68 -12.54
CA ARG D 76 -0.28 -25.22 -11.76
C ARG D 76 -0.88 -26.19 -10.76
N LYS D 77 -0.23 -27.35 -10.58
CA LYS D 77 -0.81 -28.42 -9.77
C LYS D 77 -0.66 -28.08 -8.27
N HIS D 78 0.45 -27.43 -7.91
CA HIS D 78 0.92 -27.26 -6.51
C HIS D 78 1.29 -25.80 -6.29
N PRO D 79 1.06 -25.23 -5.09
CA PRO D 79 1.51 -23.88 -4.78
C PRO D 79 3.01 -23.72 -5.02
N SER D 80 3.41 -22.52 -5.45
CA SER D 80 4.78 -22.16 -5.67
C SER D 80 5.35 -21.46 -4.43
N SER D 81 6.69 -21.51 -4.27
CA SER D 81 7.36 -20.62 -3.32
C SER D 81 7.05 -19.18 -3.69
N PRO D 82 7.00 -18.26 -2.72
CA PRO D 82 6.74 -16.85 -3.01
C PRO D 82 7.72 -16.27 -4.05
N GLU D 83 8.99 -16.64 -3.93
CA GLU D 83 10.04 -16.00 -4.79
C GLU D 83 9.93 -16.46 -6.25
N CYS D 84 9.29 -17.61 -6.50
CA CYS D 84 9.37 -18.27 -7.84
C CYS D 84 8.03 -18.20 -8.58
N LEU D 85 6.99 -17.68 -7.92
CA LEU D 85 5.74 -17.45 -8.61
C LEU D 85 6.02 -16.51 -9.78
N VAL D 86 5.30 -16.62 -10.91
CA VAL D 86 5.48 -15.67 -11.99
C VAL D 86 5.10 -14.27 -11.50
N SER D 87 6.06 -13.37 -11.68
CA SER D 87 6.02 -12.01 -11.15
C SER D 87 5.67 -11.04 -12.28
N ALA D 88 4.43 -10.53 -12.26
CA ALA D 88 4.00 -9.49 -13.19
C ALA D 88 4.94 -8.28 -13.10
N GLN D 89 5.40 -7.96 -11.89
CA GLN D 89 6.30 -6.84 -11.67
C GLN D 89 7.60 -7.07 -12.47
N LYS D 90 8.16 -8.27 -12.43
CA LYS D 90 9.46 -8.52 -13.11
C LYS D 90 9.28 -8.45 -14.64
N VAL D 91 8.10 -8.82 -15.14
CA VAL D 91 7.80 -8.70 -16.55
C VAL D 91 7.78 -7.22 -16.92
N LEU D 92 7.12 -6.40 -16.10
CA LEU D 92 7.00 -4.96 -16.42
C LEU D 92 8.41 -4.31 -16.37
N GLU D 93 9.31 -4.83 -15.52
CA GLU D 93 10.70 -4.39 -15.44
C GLU D 93 11.57 -4.93 -16.58
N GLY D 94 11.02 -5.84 -17.42
CA GLY D 94 11.71 -6.31 -18.64
C GLY D 94 12.69 -7.47 -18.38
N SER D 95 12.32 -8.31 -17.41
CA SER D 95 13.17 -9.49 -17.08
C SER D 95 13.10 -10.52 -18.22
N GLU D 96 14.20 -10.69 -18.97
CA GLU D 96 14.26 -11.77 -19.96
C GLU D 96 14.09 -13.13 -19.29
N LEU D 97 14.69 -13.28 -18.11
CA LEU D 97 14.59 -14.59 -17.38
C LEU D 97 13.13 -14.91 -17.06
N GLU D 98 12.38 -13.92 -16.54
CA GLU D 98 10.98 -14.14 -16.21
C GLU D 98 10.15 -14.42 -17.46
N LEU D 99 10.41 -13.69 -18.56
CA LEU D 99 9.66 -13.93 -19.78
C LEU D 99 9.98 -15.34 -20.33
N ALA D 100 11.22 -15.80 -20.15
CA ALA D 100 11.61 -17.17 -20.60
C ALA D 100 10.89 -18.23 -19.74
N LYS D 101 10.76 -17.92 -18.46
CA LYS D 101 10.04 -18.84 -17.55
C LYS D 101 8.59 -18.93 -18.05
N MET D 102 7.97 -17.78 -18.36
CA MET D 102 6.60 -17.79 -18.86
C MET D 102 6.46 -18.61 -20.15
N THR D 103 7.42 -18.44 -21.05
CA THR D 103 7.35 -19.14 -22.30
C THR D 103 7.48 -20.66 -22.13
N MET D 104 8.45 -21.04 -21.32
CA MET D 104 8.62 -22.45 -21.03
C MET D 104 7.42 -23.04 -20.26
N LEU D 105 6.80 -22.28 -19.37
CA LEU D 105 5.54 -22.75 -18.74
C LEU D 105 4.44 -22.97 -19.77
N LEU D 106 4.30 -22.10 -20.75
CA LEU D 106 3.31 -22.32 -21.79
C LEU D 106 3.66 -23.56 -22.63
N LEU D 107 4.97 -23.78 -22.87
CA LEU D 107 5.36 -25.00 -23.57
C LEU D 107 4.98 -26.24 -22.73
N TYR D 108 5.21 -26.15 -21.43
CA TYR D 108 4.85 -27.22 -20.47
C TYR D 108 3.34 -27.51 -20.57
N HIS D 109 2.49 -26.48 -20.43
CA HIS D 109 1.04 -26.72 -20.47
C HIS D 109 0.59 -27.20 -21.84
N SER D 110 1.22 -26.72 -22.91
CA SER D 110 0.90 -27.15 -24.26
C SER D 110 1.20 -28.66 -24.39
N THR D 111 2.36 -29.08 -23.90
CA THR D 111 2.83 -30.47 -23.98
C THR D 111 1.89 -31.39 -23.19
N MET D 112 1.43 -30.88 -22.06
CA MET D 112 0.58 -31.73 -21.14
C MET D 112 -0.85 -31.88 -21.71
N SER D 113 -1.28 -30.96 -22.58
CA SER D 113 -2.62 -31.00 -23.19
C SER D 113 -2.59 -31.64 -24.59
N SER D 114 -1.39 -31.84 -25.15
CA SER D 114 -1.28 -32.27 -26.55
C SER D 114 -1.30 -33.79 -26.65
N LYS D 115 -1.94 -34.31 -27.69
CA LYS D 115 -1.87 -35.75 -27.98
C LYS D 115 -1.02 -35.99 -29.24
N SER D 116 -0.68 -34.90 -29.94
CA SER D 116 0.03 -34.94 -31.18
C SER D 116 1.49 -35.34 -30.95
N PRO D 117 2.09 -36.09 -31.90
CA PRO D 117 3.54 -36.26 -31.92
C PRO D 117 4.26 -34.91 -32.01
N ARG D 118 5.44 -34.83 -31.42
CA ARG D 118 6.32 -33.66 -31.59
C ARG D 118 7.17 -33.84 -32.87
N ASP D 119 7.12 -32.84 -33.75
CA ASP D 119 7.87 -32.89 -35.02
C ASP D 119 8.85 -31.70 -35.01
N TRP D 120 10.15 -31.99 -34.91
CA TRP D 120 11.18 -30.97 -34.74
C TRP D 120 12.06 -30.86 -36.01
N GLU D 121 11.63 -31.48 -37.11
CA GLU D 121 12.48 -31.63 -38.30
C GLU D 121 12.89 -30.25 -38.85
N GLN D 122 12.06 -29.24 -38.59
CA GLN D 122 12.26 -27.91 -39.21
C GLN D 122 13.40 -27.14 -38.54
N PHE D 123 13.72 -27.45 -37.27
CA PHE D 123 14.59 -26.61 -36.49
C PHE D 123 16.07 -26.74 -36.85
N GLU D 124 16.85 -25.69 -36.57
CA GLU D 124 18.31 -25.82 -36.65
C GLU D 124 18.76 -27.03 -35.83
N TYR D 125 19.83 -27.70 -36.26
CA TYR D 125 20.19 -28.95 -35.59
C TYR D 125 20.55 -28.72 -34.12
N LYS D 126 21.22 -27.64 -33.78
CA LYS D 126 21.59 -27.32 -32.43
C LYS D 126 20.31 -27.12 -31.61
N ILE D 127 19.30 -26.52 -32.23
CA ILE D 127 18.04 -26.20 -31.54
C ILE D 127 17.30 -27.54 -31.31
N GLN D 128 17.29 -28.44 -32.29
CA GLN D 128 16.71 -29.78 -32.10
C GLN D 128 17.30 -30.43 -30.86
N ALA D 129 18.59 -30.38 -30.65
CA ALA D 129 19.25 -30.95 -29.52
C ALA D 129 18.77 -30.27 -28.24
N GLU D 130 18.67 -28.93 -28.25
CA GLU D 130 18.22 -28.25 -27.03
C GLU D 130 16.74 -28.51 -26.74
N LEU D 131 15.90 -28.67 -27.74
CA LEU D 131 14.50 -28.97 -27.53
C LEU D 131 14.41 -30.29 -26.78
N ALA D 132 15.27 -31.25 -27.08
CA ALA D 132 15.21 -32.53 -26.33
C ALA D 132 15.50 -32.26 -24.84
N VAL D 133 16.46 -31.40 -24.52
CA VAL D 133 16.80 -31.07 -23.13
C VAL D 133 15.60 -30.38 -22.46
N ILE D 134 14.98 -29.45 -23.18
CA ILE D 134 13.85 -28.72 -22.66
C ILE D 134 12.68 -29.66 -22.42
N LEU D 135 12.34 -30.51 -23.37
CA LEU D 135 11.22 -31.42 -23.22
C LEU D 135 11.54 -32.43 -22.14
N LYS D 136 12.79 -32.77 -21.88
CA LYS D 136 13.09 -33.71 -20.76
C LYS D 136 12.70 -33.04 -19.42
N PHE D 137 13.01 -31.76 -19.27
CA PHE D 137 12.62 -31.01 -18.10
C PHE D 137 11.09 -31.05 -17.95
N VAL D 138 10.36 -30.77 -19.02
CA VAL D 138 8.92 -30.73 -19.00
C VAL D 138 8.40 -32.11 -18.56
N LEU D 139 8.88 -33.15 -19.21
CA LEU D 139 8.31 -34.51 -18.92
C LEU D 139 8.71 -34.93 -17.51
N ASP D 140 9.87 -34.54 -17.01
CA ASP D 140 10.29 -34.86 -15.64
C ASP D 140 9.52 -34.09 -14.57
N HIS D 141 8.80 -33.04 -14.96
CA HIS D 141 8.00 -32.27 -14.04
C HIS D 141 6.48 -32.42 -14.29
N GLU D 142 6.07 -33.57 -14.81
CA GLU D 142 4.68 -33.78 -15.21
C GLU D 142 3.80 -33.71 -13.93
N ASP D 143 4.41 -33.98 -12.78
CA ASP D 143 3.67 -34.08 -11.55
C ASP D 143 3.51 -32.72 -10.85
N GLY D 144 4.14 -31.68 -11.42
CA GLY D 144 3.97 -30.31 -10.97
C GLY D 144 4.95 -29.93 -9.87
N LEU D 145 5.62 -30.91 -9.24
CA LEU D 145 6.37 -30.63 -8.06
C LEU D 145 7.61 -29.82 -8.37
N ASN D 146 7.71 -28.65 -7.74
CA ASN D 146 8.88 -27.77 -7.73
C ASN D 146 9.09 -27.12 -9.10
N LEU D 147 8.00 -26.95 -9.86
CA LEU D 147 8.06 -26.53 -11.25
C LEU D 147 8.76 -25.16 -11.39
N ASN D 148 8.25 -24.13 -10.70
CA ASN D 148 8.72 -22.79 -10.91
C ASN D 148 10.17 -22.72 -10.42
N GLU D 149 10.44 -23.33 -9.25
CA GLU D 149 11.76 -23.33 -8.60
C GLU D 149 12.83 -23.91 -9.52
N ASP D 150 12.49 -25.08 -10.05
CA ASP D 150 13.40 -25.84 -10.88
C ASP D 150 13.57 -25.09 -12.19
N LEU D 151 12.49 -24.50 -12.71
CA LEU D 151 12.55 -23.75 -14.02
C LEU D 151 13.50 -22.57 -13.90
N GLU D 152 13.51 -21.88 -12.75
CA GLU D 152 14.45 -20.75 -12.61
C GLU D 152 15.90 -21.21 -12.78
N ASN D 153 16.25 -22.30 -12.11
CA ASN D 153 17.63 -22.82 -12.16
C ASN D 153 17.93 -23.31 -13.58
N PHE D 154 16.93 -23.91 -14.24
CA PHE D 154 17.11 -24.52 -15.54
C PHE D 154 17.42 -23.41 -16.56
N LEU D 155 16.77 -22.25 -16.41
CA LEU D 155 16.94 -21.22 -17.45
C LEU D 155 18.15 -20.31 -17.22
N GLN D 156 18.84 -20.42 -16.11
CA GLN D 156 20.04 -19.58 -15.86
C GLN D 156 21.26 -20.21 -16.55
N LYS D 157 22.13 -19.36 -17.10
CA LYS D 157 23.38 -19.75 -17.71
C LYS D 157 24.23 -20.53 -16.71
#